data_9M3T
#
_entry.id   9M3T
#
_cell.length_a   106.570
_cell.length_b   106.570
_cell.length_c   85.660
_cell.angle_alpha   90.00
_cell.angle_beta   90.00
_cell.angle_gamma   120.00
#
_symmetry.space_group_name_H-M   'P 64'
#
loop_
_entity.id
_entity.type
_entity.pdbx_description
1 polymer '[Pyruvate dehydrogenase (acetyl-transferring)] kinase isozyme 2, mitochondrial'
2 non-polymer 'N-(2-AMINOETHYL)-2-{3-CHLORO-4-[(4-ISOPROPYLBENZYL)OXY]PHENYL} ACETAMIDE'
3 non-polymer '2-chloranyl-4-[[(3R)-1-[(3S)-7-(ethylamino)-5-fluoranyl-3-methyl-2-oxidanylidene-1H-indol-3-yl]piperidin-3-yl]amino]benzoic acid'
4 non-polymer 'DIMETHYL SULFOXIDE'
5 water water
#
_entity_poly.entity_id   1
_entity_poly.type   'polypeptide(L)'
_entity_poly.pdbx_seq_one_letter_code
;APKYIEHFSKFSPSPLSMKQFLDFGSSNACEKTSFTFLRQELPVRLANIMKEINLLPDRVLSTPSVQLVQSWYVQSLLDI
MEFLDKDPEDHRTLSQFTDALVTIRNRHNDVVPTMAQGVLEYKDTYGDDPVSNQNIQYFLDRFYLSRISIRMLINQHTLI
FDGSTNPAHPKHIGSIDPNCNVSEVVKDAYDMAKLLCDKYYMASPDLEIQEINAANSKQPIHMVYVPSHLYHMLFELFKN
AMRATVESHESSLILPPIKVMVALGEEDLSIKMSDRGGGVPLRKIERLFSYMYSTAPTPQPGTGGTPLAGFGYGLPISRL
YAKYFQGDLQLFSMEGFGTDAVIYLKALSTDSVERLPVYNKSAWRHY
;
_entity_poly.pdbx_strand_id   A
#
# COMPACT_ATOMS: atom_id res chain seq x y z
N ALA A 1 14.91 -15.52 19.33
CA ALA A 1 14.19 -16.04 18.17
C ALA A 1 14.79 -17.38 17.76
N PRO A 2 14.01 -18.22 17.06
CA PRO A 2 14.54 -19.51 16.60
C PRO A 2 15.69 -19.36 15.62
N LYS A 3 16.43 -20.45 15.46
CA LYS A 3 17.60 -20.50 14.59
C LYS A 3 17.32 -19.91 13.23
N TYR A 4 16.24 -20.36 12.60
CA TYR A 4 15.98 -20.02 11.21
C TYR A 4 15.64 -18.54 11.04
N ILE A 5 14.95 -17.95 12.02
CA ILE A 5 14.69 -16.51 11.96
C ILE A 5 15.99 -15.72 12.14
N GLU A 6 16.87 -16.20 13.01
CA GLU A 6 18.14 -15.52 13.26
C GLU A 6 19.00 -15.47 12.00
N HIS A 7 19.13 -16.59 11.30
CA HIS A 7 19.90 -16.63 10.05
C HIS A 7 19.39 -15.61 9.04
N PHE A 8 18.11 -15.71 8.66
CA PHE A 8 17.63 -14.88 7.56
C PHE A 8 17.50 -13.41 7.95
N SER A 9 17.38 -13.10 9.24
CA SER A 9 17.27 -11.70 9.64
C SER A 9 18.60 -10.96 9.57
N LYS A 10 19.72 -11.65 9.44
CA LYS A 10 21.00 -10.97 9.27
C LYS A 10 21.25 -10.53 7.84
N PHE A 11 20.41 -10.93 6.89
CA PHE A 11 20.45 -10.38 5.54
C PHE A 11 19.57 -9.14 5.50
N SER A 12 19.90 -8.22 4.63
CA SER A 12 18.85 -7.23 4.55
C SER A 12 18.04 -7.45 3.28
N PRO A 13 16.77 -7.03 3.24
CA PRO A 13 15.99 -7.18 2.01
C PRO A 13 16.69 -6.52 0.82
N SER A 14 16.49 -7.10 -0.37
CA SER A 14 17.08 -6.59 -1.60
C SER A 14 16.01 -5.86 -2.42
N PRO A 15 16.04 -4.54 -2.48
CA PRO A 15 14.95 -3.83 -3.16
C PRO A 15 15.08 -3.89 -4.68
N LEU A 16 13.96 -4.06 -5.36
CA LEU A 16 13.93 -4.17 -6.82
C LEU A 16 13.33 -2.92 -7.45
N SER A 17 13.90 -2.50 -8.56
CA SER A 17 13.30 -1.42 -9.33
C SER A 17 12.17 -1.96 -10.19
N MET A 18 11.25 -1.07 -10.54
CA MET A 18 10.21 -1.41 -11.51
C MET A 18 10.79 -1.92 -12.82
N LYS A 19 11.95 -1.41 -13.22
CA LYS A 19 12.56 -1.89 -14.46
C LYS A 19 13.04 -3.33 -14.31
N GLN A 20 13.59 -3.68 -13.14
CA GLN A 20 14.02 -5.05 -12.92
C GLN A 20 12.83 -6.01 -12.93
N PHE A 21 11.75 -5.66 -12.21
CA PHE A 21 10.51 -6.42 -12.29
C PHE A 21 10.10 -6.64 -13.74
N LEU A 22 10.21 -5.59 -14.56
CA LEU A 22 9.76 -5.62 -15.94
C LEU A 22 10.70 -6.44 -16.81
N ASP A 23 12.01 -6.17 -16.69
CA ASP A 23 13.00 -6.92 -17.46
C ASP A 23 12.94 -8.41 -17.18
N PHE A 24 12.28 -8.83 -16.10
CA PHE A 24 12.11 -10.24 -15.80
C PHE A 24 10.89 -10.85 -16.50
N GLY A 25 10.45 -10.27 -17.61
CA GLY A 25 9.40 -10.87 -18.42
C GLY A 25 8.12 -11.12 -17.67
N ASN A 28 10.26 -19.87 -18.56
CA ASN A 28 11.05 -21.09 -18.67
C ASN A 28 12.28 -21.03 -17.76
N ALA A 29 13.42 -20.62 -18.32
CA ALA A 29 14.57 -20.30 -17.48
C ALA A 29 14.26 -19.16 -16.54
N CYS A 30 13.32 -18.29 -16.92
CA CYS A 30 12.86 -17.25 -16.01
C CYS A 30 12.26 -17.85 -14.75
N GLU A 31 11.47 -18.92 -14.88
CA GLU A 31 10.76 -19.43 -13.70
C GLU A 31 11.73 -20.01 -12.67
N LYS A 32 12.73 -20.77 -13.12
CA LYS A 32 13.75 -21.25 -12.20
C LYS A 32 14.49 -20.10 -11.53
N THR A 33 14.74 -19.03 -12.29
CA THR A 33 15.41 -17.85 -11.76
C THR A 33 14.57 -17.16 -10.69
N SER A 34 13.26 -17.09 -10.92
CA SER A 34 12.38 -16.50 -9.91
C SER A 34 12.36 -17.35 -8.65
N PHE A 35 12.27 -18.67 -8.82
CA PHE A 35 12.22 -19.60 -7.70
C PHE A 35 13.45 -19.48 -6.79
N THR A 36 14.64 -19.49 -7.38
CA THR A 36 15.84 -19.46 -6.55
C THR A 36 16.07 -18.08 -5.95
N PHE A 37 15.55 -17.03 -6.59
CA PHE A 37 15.60 -15.71 -5.95
C PHE A 37 14.64 -15.63 -4.77
N LEU A 38 13.41 -16.12 -4.97
CA LEU A 38 12.37 -15.93 -3.95
C LEU A 38 12.52 -16.91 -2.79
N ARG A 39 13.14 -18.07 -3.01
CA ARG A 39 13.29 -18.98 -1.88
C ARG A 39 14.32 -18.48 -0.88
N GLN A 40 15.16 -17.53 -1.28
CA GLN A 40 16.02 -16.78 -0.37
C GLN A 40 15.39 -15.46 0.08
N GLU A 41 14.85 -14.67 -0.85
CA GLU A 41 14.41 -13.31 -0.51
C GLU A 41 13.16 -13.31 0.34
N LEU A 42 12.23 -14.23 0.11
CA LEU A 42 11.03 -14.19 0.92
C LEU A 42 11.36 -14.54 2.37
N PRO A 43 12.20 -15.56 2.64
CA PRO A 43 12.63 -15.75 4.04
C PRO A 43 13.34 -14.55 4.64
N VAL A 44 14.14 -13.84 3.85
CA VAL A 44 14.80 -12.64 4.36
C VAL A 44 13.77 -11.59 4.77
N ARG A 45 12.78 -11.32 3.90
CA ARG A 45 11.80 -10.29 4.22
C ARG A 45 10.92 -10.72 5.38
N LEU A 46 10.53 -12.00 5.45
CA LEU A 46 9.71 -12.49 6.55
C LEU A 46 10.45 -12.39 7.87
N ALA A 47 11.71 -12.82 7.90
CA ALA A 47 12.47 -12.83 9.15
C ALA A 47 12.74 -11.43 9.66
N ASN A 48 13.07 -10.50 8.75
CA ASN A 48 13.38 -9.14 9.18
C ASN A 48 12.19 -8.51 9.90
N ILE A 49 10.98 -8.69 9.37
CA ILE A 49 9.82 -8.11 10.04
C ILE A 49 9.47 -8.89 11.30
N MET A 50 9.70 -10.21 11.32
CA MET A 50 9.41 -10.95 12.53
C MET A 50 10.29 -10.50 13.69
N LYS A 51 11.57 -10.21 13.40
CA LYS A 51 12.46 -9.73 14.44
C LYS A 51 11.99 -8.39 14.98
N GLU A 52 11.45 -7.55 14.09
CA GLU A 52 10.99 -6.23 14.48
C GLU A 52 9.73 -6.32 15.33
N ILE A 53 8.80 -7.22 14.97
CA ILE A 53 7.65 -7.51 15.84
C ILE A 53 8.13 -7.84 17.25
N ASN A 54 9.24 -8.58 17.36
CA ASN A 54 9.73 -8.99 18.66
C ASN A 54 10.31 -7.85 19.48
N LEU A 55 10.50 -6.68 18.90
CA LEU A 55 10.92 -5.50 19.67
C LEU A 55 9.75 -4.78 20.33
N LEU A 56 8.51 -5.15 20.03
CA LEU A 56 7.38 -4.58 20.75
C LEU A 56 7.42 -5.01 22.21
N PRO A 57 7.02 -4.16 23.15
CA PRO A 57 6.99 -4.57 24.56
C PRO A 57 6.07 -5.77 24.78
N ASP A 58 6.31 -6.47 25.88
CA ASP A 58 5.53 -7.66 26.21
C ASP A 58 4.03 -7.39 26.30
N ARG A 59 3.63 -6.19 26.72
CA ARG A 59 2.20 -5.92 26.86
C ARG A 59 1.51 -5.72 25.51
N VAL A 60 2.28 -5.50 24.45
CA VAL A 60 1.80 -5.57 23.07
C VAL A 60 2.04 -6.95 22.47
N LEU A 61 3.27 -7.44 22.62
CA LEU A 61 3.68 -8.69 22.01
C LEU A 61 2.79 -9.85 22.41
N SER A 62 2.40 -9.93 23.68
CA SER A 62 1.64 -11.06 24.19
C SER A 62 0.15 -11.01 23.87
N THR A 63 -0.35 -9.96 23.24
CA THR A 63 -1.79 -9.88 22.97
C THR A 63 -2.20 -10.89 21.89
N PRO A 64 -3.47 -11.30 21.84
CA PRO A 64 -3.85 -12.35 20.88
C PRO A 64 -3.66 -11.97 19.41
N SER A 65 -3.83 -10.70 19.03
CA SER A 65 -3.69 -10.33 17.64
C SER A 65 -2.25 -10.48 17.15
N VAL A 66 -1.29 -9.98 17.92
CA VAL A 66 0.10 -10.04 17.50
C VAL A 66 0.57 -11.48 17.44
N GLN A 67 0.11 -12.31 18.38
CA GLN A 67 0.52 -13.71 18.41
C GLN A 67 -0.05 -14.47 17.22
N LEU A 68 -1.26 -14.13 16.79
CA LEU A 68 -1.82 -14.79 15.62
C LEU A 68 -1.08 -14.41 14.35
N VAL A 69 -0.72 -13.13 14.22
CA VAL A 69 0.05 -12.70 13.05
C VAL A 69 1.43 -13.37 13.05
N GLN A 70 2.10 -13.38 14.19
CA GLN A 70 3.36 -14.11 14.29
C GLN A 70 3.19 -15.58 13.89
N SER A 71 2.10 -16.23 14.33
CA SER A 71 1.96 -17.64 14.00
C SER A 71 1.81 -17.83 12.50
N TRP A 72 1.20 -16.86 11.81
CA TRP A 72 1.09 -16.95 10.37
C TRP A 72 2.45 -16.78 9.71
N TYR A 73 3.19 -15.72 10.07
CA TYR A 73 4.48 -15.49 9.45
C TYR A 73 5.42 -16.66 9.67
N VAL A 74 5.36 -17.28 10.86
CA VAL A 74 6.21 -18.43 11.17
C VAL A 74 5.92 -19.56 10.21
N GLN A 75 4.64 -19.84 9.97
CA GLN A 75 4.26 -20.97 9.11
C GLN A 75 4.64 -20.69 7.67
N SER A 76 4.48 -19.44 7.24
CA SER A 76 4.89 -19.11 5.88
C SER A 76 6.40 -19.24 5.72
N LEU A 77 7.17 -18.81 6.72
CA LEU A 77 8.62 -18.95 6.65
C LEU A 77 9.01 -20.42 6.57
N LEU A 78 8.32 -21.28 7.31
CA LEU A 78 8.59 -22.71 7.26
C LEU A 78 8.17 -23.32 5.93
N ASP A 79 6.98 -22.94 5.44
CA ASP A 79 6.55 -23.36 4.12
C ASP A 79 7.64 -23.12 3.06
N ILE A 80 8.28 -21.95 3.09
CA ILE A 80 9.26 -21.64 2.06
C ILE A 80 10.56 -22.39 2.29
N MET A 81 11.00 -22.51 3.55
CA MET A 81 12.25 -23.19 3.83
C MET A 81 12.27 -24.63 3.34
N GLU A 82 11.10 -25.24 3.07
CA GLU A 82 11.08 -26.59 2.51
C GLU A 82 11.73 -26.65 1.13
N PHE A 83 11.76 -25.54 0.40
CA PHE A 83 12.26 -25.54 -0.97
C PHE A 83 13.75 -25.24 -1.06
N LEU A 84 14.42 -25.02 0.07
CA LEU A 84 15.81 -24.56 0.03
C LEU A 84 16.72 -25.60 -0.61
N ASP A 85 16.47 -26.86 -0.34
CA ASP A 85 17.31 -27.94 -0.83
C ASP A 85 16.80 -28.54 -2.14
N LYS A 86 15.66 -28.09 -2.64
CA LYS A 86 15.06 -28.76 -3.78
C LYS A 86 15.71 -28.31 -5.09
N ASP A 87 15.38 -29.04 -6.15
CA ASP A 87 16.04 -28.94 -7.45
C ASP A 87 15.28 -28.02 -8.38
N PRO A 88 15.82 -26.85 -8.75
CA PRO A 88 15.08 -25.94 -9.65
C PRO A 88 14.83 -26.51 -11.04
N GLU A 89 15.56 -27.56 -11.44
CA GLU A 89 15.31 -28.18 -12.73
C GLU A 89 14.06 -29.04 -12.72
N ASP A 90 13.72 -29.61 -11.56
CA ASP A 90 12.53 -30.45 -11.42
C ASP A 90 11.29 -29.57 -11.52
N HIS A 91 10.49 -29.78 -12.57
CA HIS A 91 9.33 -28.92 -12.80
C HIS A 91 8.25 -29.15 -11.76
N ARG A 92 8.23 -30.30 -11.09
CA ARG A 92 7.30 -30.49 -9.98
C ARG A 92 7.64 -29.56 -8.81
N THR A 93 8.93 -29.28 -8.61
CA THR A 93 9.32 -28.34 -7.55
C THR A 93 8.80 -26.94 -7.84
N LEU A 94 8.87 -26.50 -9.10
CA LEU A 94 8.39 -25.17 -9.44
C LEU A 94 6.88 -25.06 -9.25
N SER A 95 6.15 -26.13 -9.58
CA SER A 95 4.70 -26.14 -9.39
C SER A 95 4.33 -26.11 -7.91
N GLN A 96 5.00 -26.93 -7.10
CA GLN A 96 4.76 -26.90 -5.67
C GLN A 96 5.10 -25.55 -5.07
N PHE A 97 6.15 -24.91 -5.61
CA PHE A 97 6.51 -23.58 -5.13
C PHE A 97 5.37 -22.60 -5.32
N THR A 98 4.81 -22.55 -6.54
CA THR A 98 3.70 -21.63 -6.82
C THR A 98 2.50 -21.93 -5.93
N ASP A 99 2.13 -23.22 -5.81
CA ASP A 99 1.05 -23.61 -4.89
C ASP A 99 1.31 -23.09 -3.48
N ALA A 100 2.55 -23.23 -3.00
CA ALA A 100 2.89 -22.79 -1.66
C ALA A 100 2.80 -21.27 -1.51
N LEU A 101 3.20 -20.52 -2.54
CA LEU A 101 3.06 -19.07 -2.46
C LEU A 101 1.59 -18.67 -2.43
N VAL A 102 0.72 -19.41 -3.13
CA VAL A 102 -0.70 -19.07 -3.10
C VAL A 102 -1.28 -19.32 -1.73
N THR A 103 -0.91 -20.45 -1.11
CA THR A 103 -1.34 -20.72 0.26
C THR A 103 -0.87 -19.62 1.21
N ILE A 104 0.36 -19.15 1.05
CA ILE A 104 0.89 -18.12 1.94
C ILE A 104 0.11 -16.82 1.77
N ARG A 105 -0.16 -16.44 0.51
CA ARG A 105 -0.88 -15.19 0.29
C ARG A 105 -2.27 -15.26 0.92
N ASN A 106 -2.94 -16.41 0.79
CA ASN A 106 -4.26 -16.55 1.38
C ASN A 106 -4.18 -16.57 2.90
N ARG A 107 -3.15 -17.21 3.45
CA ARG A 107 -2.97 -17.26 4.89
C ARG A 107 -2.89 -15.86 5.50
N HIS A 108 -2.35 -14.88 4.77
CA HIS A 108 -2.11 -13.55 5.30
C HIS A 108 -3.21 -12.57 4.94
N ASN A 109 -4.31 -13.03 4.34
CA ASN A 109 -5.29 -12.09 3.79
C ASN A 109 -5.90 -11.18 4.85
N ASP A 110 -5.93 -11.60 6.11
CA ASP A 110 -6.59 -10.85 7.17
C ASP A 110 -5.61 -10.11 8.08
N VAL A 111 -4.38 -9.86 7.62
CA VAL A 111 -3.34 -9.32 8.48
C VAL A 111 -3.65 -7.87 8.86
N VAL A 112 -4.21 -7.10 7.93
CA VAL A 112 -4.47 -5.70 8.23
C VAL A 112 -5.47 -5.56 9.38
N PRO A 113 -6.70 -6.11 9.30
CA PRO A 113 -7.63 -5.96 10.43
C PRO A 113 -7.18 -6.68 11.69
N THR A 114 -6.38 -7.74 11.56
CA THR A 114 -5.88 -8.38 12.76
C THR A 114 -4.98 -7.45 13.54
N MET A 115 -4.06 -6.74 12.88
CA MET A 115 -3.24 -5.80 13.63
C MET A 115 -4.08 -4.64 14.15
N ALA A 116 -5.17 -4.31 13.46
CA ALA A 116 -6.09 -3.29 13.97
C ALA A 116 -6.67 -3.67 15.33
N GLN A 117 -7.05 -4.94 15.51
CA GLN A 117 -7.55 -5.40 16.80
C GLN A 117 -6.49 -5.28 17.89
N GLY A 118 -5.22 -5.41 17.54
CA GLY A 118 -4.16 -5.16 18.50
C GLY A 118 -4.07 -3.69 18.86
N VAL A 119 -4.25 -2.81 17.86
CA VAL A 119 -4.26 -1.37 18.15
C VAL A 119 -5.41 -1.03 19.07
N LEU A 120 -6.58 -1.60 18.76
CA LEU A 120 -7.79 -1.32 19.53
C LEU A 120 -7.64 -1.80 20.98
N GLU A 121 -7.10 -3.00 21.17
CA GLU A 121 -6.92 -3.50 22.53
C GLU A 121 -5.97 -2.60 23.31
N TYR A 122 -4.90 -2.14 22.65
CA TYR A 122 -3.92 -1.30 23.33
C TYR A 122 -4.53 0.03 23.72
N LYS A 123 -5.30 0.64 22.80
CA LYS A 123 -5.97 1.92 23.07
C LYS A 123 -6.81 1.85 24.33
N ASP A 124 -7.52 0.76 24.52
CA ASP A 124 -8.42 0.69 25.66
C ASP A 124 -7.81 0.03 26.88
N THR A 125 -6.67 -0.66 26.77
CA THR A 125 -6.05 -1.24 27.95
C THR A 125 -4.86 -0.46 28.48
N TYR A 126 -4.22 0.37 27.63
CA TYR A 126 -3.11 1.22 28.04
C TYR A 126 -3.26 2.69 27.64
N GLY A 127 -4.11 3.03 26.68
CA GLY A 127 -4.48 4.42 26.43
C GLY A 127 -4.02 4.90 25.06
N ASP A 128 -4.45 6.14 24.75
CA ASP A 128 -4.23 6.68 23.42
C ASP A 128 -3.50 8.02 23.45
N ASP A 129 -2.37 8.07 24.13
CA ASP A 129 -1.54 9.27 24.27
C ASP A 129 -0.68 9.46 23.03
N PRO A 130 -0.08 10.65 22.86
CA PRO A 130 0.71 10.87 21.64
C PRO A 130 1.92 9.97 21.50
N VAL A 131 2.58 9.59 22.60
CA VAL A 131 3.77 8.72 22.48
C VAL A 131 3.37 7.35 21.97
N SER A 132 2.28 6.79 22.51
CA SER A 132 1.74 5.54 21.97
C SER A 132 1.36 5.67 20.50
N ASN A 133 0.74 6.80 20.13
CA ASN A 133 0.38 7.05 18.73
C ASN A 133 1.62 7.02 17.84
N GLN A 134 2.69 7.71 18.25
CA GLN A 134 3.92 7.75 17.44
C GLN A 134 4.49 6.36 17.24
N ASN A 135 4.51 5.55 18.31
CA ASN A 135 5.12 4.23 18.19
C ASN A 135 4.30 3.30 17.32
N ILE A 136 2.97 3.34 17.47
CA ILE A 136 2.11 2.57 16.58
C ILE A 136 2.29 3.02 15.13
N GLN A 137 2.42 4.33 14.91
CA GLN A 137 2.56 4.83 13.54
C GLN A 137 3.88 4.37 12.93
N TYR A 138 4.97 4.48 13.69
CA TYR A 138 6.27 3.99 13.21
C TYR A 138 6.22 2.51 12.89
N PHE A 139 5.63 1.71 13.78
CA PHE A 139 5.65 0.25 13.60
C PHE A 139 4.77 -0.19 12.43
N LEU A 140 3.53 0.31 12.36
CA LEU A 140 2.58 -0.17 11.36
C LEU A 140 2.95 0.31 9.96
N ASP A 141 3.47 1.53 9.82
CA ASP A 141 3.97 1.94 8.51
C ASP A 141 4.99 0.94 7.99
N ARG A 142 5.96 0.56 8.83
CA ARG A 142 6.98 -0.39 8.42
C ARG A 142 6.41 -1.78 8.24
N PHE A 143 5.54 -2.21 9.16
CA PHE A 143 4.96 -3.54 9.06
C PHE A 143 4.11 -3.69 7.81
N TYR A 144 3.23 -2.71 7.55
CA TYR A 144 2.36 -2.78 6.38
C TYR A 144 3.13 -2.61 5.08
N LEU A 145 4.18 -1.78 5.09
CA LEU A 145 5.00 -1.66 3.89
C LEU A 145 5.73 -2.97 3.58
N SER A 146 6.29 -3.60 4.60
CA SER A 146 6.88 -4.93 4.44
C SER A 146 5.89 -5.92 3.85
N ARG A 147 4.64 -5.92 4.35
CA ARG A 147 3.61 -6.81 3.83
C ARG A 147 3.30 -6.52 2.37
N ILE A 148 3.25 -5.23 2.01
CA ILE A 148 3.01 -4.84 0.63
C ILE A 148 4.12 -5.37 -0.27
N SER A 149 5.38 -5.28 0.19
CA SER A 149 6.49 -5.77 -0.63
C SER A 149 6.48 -7.30 -0.76
N ILE A 150 6.07 -8.01 0.28
CA ILE A 150 5.96 -9.46 0.16
C ILE A 150 4.84 -9.85 -0.79
N ARG A 151 3.69 -9.20 -0.69
CA ARG A 151 2.59 -9.49 -1.61
C ARG A 151 2.97 -9.19 -3.06
N MET A 152 3.66 -8.08 -3.28
CA MET A 152 4.14 -7.74 -4.62
C MET A 152 4.97 -8.87 -5.21
N LEU A 153 5.99 -9.33 -4.46
CA LEU A 153 6.84 -10.40 -4.94
C LEU A 153 6.02 -11.62 -5.30
N ILE A 154 5.10 -12.01 -4.42
CA ILE A 154 4.32 -13.22 -4.64
C ILE A 154 3.42 -13.05 -5.85
N ASN A 155 2.73 -11.91 -5.94
CA ASN A 155 1.84 -11.67 -7.08
C ASN A 155 2.60 -11.72 -8.40
N GLN A 156 3.80 -11.14 -8.46
CA GLN A 156 4.54 -11.17 -9.72
C GLN A 156 4.88 -12.59 -10.13
N HIS A 157 5.21 -13.45 -9.18
CA HIS A 157 5.54 -14.82 -9.53
C HIS A 157 4.30 -15.61 -9.95
N THR A 158 3.24 -15.58 -9.13
CA THR A 158 2.10 -16.42 -9.43
C THR A 158 1.36 -15.97 -10.68
N LEU A 159 1.37 -14.66 -10.98
CA LEU A 159 0.71 -14.16 -12.18
C LEU A 159 1.50 -14.47 -13.44
N ILE A 160 2.81 -14.36 -13.37
CA ILE A 160 3.61 -14.63 -14.57
C ILE A 160 3.74 -16.12 -14.81
N PHE A 161 4.06 -16.89 -13.77
CA PHE A 161 4.37 -18.30 -13.95
C PHE A 161 3.21 -19.22 -13.55
N ASP A 162 1.99 -18.78 -13.82
CA ASP A 162 0.86 -19.69 -13.96
C ASP A 162 0.18 -19.54 -15.31
N GLY A 163 0.03 -18.31 -15.80
CA GLY A 163 -0.44 -18.05 -17.13
C GLY A 163 0.45 -18.65 -18.21
N PRO A 170 2.35 -10.21 -24.36
CA PRO A 170 2.00 -9.76 -23.02
C PRO A 170 2.09 -8.25 -22.86
N LYS A 171 0.94 -7.56 -22.92
CA LYS A 171 0.93 -6.11 -22.71
C LYS A 171 1.24 -5.77 -21.25
N HIS A 172 0.70 -6.56 -20.32
CA HIS A 172 0.98 -6.42 -18.91
C HIS A 172 2.00 -7.47 -18.46
N ILE A 173 2.77 -7.13 -17.44
CA ILE A 173 3.77 -8.06 -16.89
C ILE A 173 3.38 -8.31 -15.44
N GLY A 174 2.58 -9.35 -15.22
CA GLY A 174 2.03 -9.56 -13.88
C GLY A 174 1.14 -8.40 -13.51
N SER A 175 1.46 -7.76 -12.39
CA SER A 175 0.69 -6.62 -11.89
C SER A 175 1.21 -5.28 -12.40
N ILE A 176 2.17 -5.27 -13.32
CA ILE A 176 2.78 -4.05 -13.83
C ILE A 176 2.25 -3.79 -15.23
N ASP A 177 1.92 -2.53 -15.50
CA ASP A 177 1.53 -2.12 -16.84
C ASP A 177 2.64 -1.22 -17.35
N PRO A 178 3.40 -1.61 -18.36
CA PRO A 178 4.47 -0.73 -18.86
C PRO A 178 3.94 0.47 -19.62
N ASN A 179 2.63 0.52 -19.89
CA ASN A 179 1.99 1.63 -20.60
C ASN A 179 0.70 2.01 -19.91
N CYS A 180 0.80 2.29 -18.61
CA CYS A 180 -0.35 2.63 -17.79
C CYS A 180 -0.85 4.03 -18.16
N ASN A 181 -2.04 4.12 -18.75
CA ASN A 181 -2.66 5.40 -19.07
C ASN A 181 -3.28 5.96 -17.79
N VAL A 182 -2.67 6.99 -17.23
CA VAL A 182 -3.04 7.40 -15.88
C VAL A 182 -4.48 7.93 -15.84
N SER A 183 -4.86 8.77 -16.81
CA SER A 183 -6.20 9.36 -16.80
C SER A 183 -7.29 8.29 -16.90
N GLU A 184 -6.99 7.19 -17.58
CA GLU A 184 -7.95 6.09 -17.68
C GLU A 184 -8.19 5.46 -16.31
N VAL A 185 -7.12 5.23 -15.54
CA VAL A 185 -7.28 4.69 -14.20
C VAL A 185 -8.05 5.67 -13.31
N VAL A 186 -7.73 6.96 -13.45
CA VAL A 186 -8.48 7.99 -12.74
C VAL A 186 -9.97 7.87 -13.04
N LYS A 187 -10.32 7.72 -14.32
CA LYS A 187 -11.73 7.64 -14.69
C LYS A 187 -12.40 6.42 -14.08
N ASP A 188 -11.72 5.25 -14.15
CA ASP A 188 -12.27 4.02 -13.59
C ASP A 188 -12.60 4.21 -12.11
N ALA A 189 -11.61 4.66 -11.35
CA ALA A 189 -11.79 4.83 -9.91
C ALA A 189 -12.90 5.83 -9.61
N TYR A 190 -12.96 6.91 -10.38
CA TYR A 190 -14.05 7.88 -10.22
C TYR A 190 -15.40 7.21 -10.46
N ASP A 191 -15.52 6.44 -11.55
CA ASP A 191 -16.80 5.81 -11.88
C ASP A 191 -17.26 4.91 -10.74
N MET A 192 -16.33 4.18 -10.14
CA MET A 192 -16.67 3.23 -9.08
C MET A 192 -17.08 3.95 -7.80
N ALA A 193 -16.37 5.02 -7.43
CA ALA A 193 -16.76 5.81 -6.26
C ALA A 193 -18.12 6.48 -6.49
N LYS A 194 -18.31 7.03 -7.69
CA LYS A 194 -19.59 7.63 -8.07
C LYS A 194 -20.75 6.65 -7.92
N LEU A 195 -20.54 5.38 -8.32
CA LEU A 195 -21.59 4.39 -8.22
C LEU A 195 -21.99 4.16 -6.77
N LEU A 196 -21.01 4.16 -5.87
CA LEU A 196 -21.32 4.05 -4.44
C LEU A 196 -21.98 5.33 -3.94
N CYS A 197 -21.52 6.48 -4.41
CA CYS A 197 -22.08 7.76 -3.98
C CYS A 197 -23.50 7.96 -4.53
N ASP A 198 -23.71 7.68 -5.81
CA ASP A 198 -25.06 7.69 -6.40
C ASP A 198 -26.02 6.79 -5.61
N LYS A 199 -25.54 5.65 -5.11
CA LYS A 199 -26.41 4.70 -4.44
C LYS A 199 -26.81 5.19 -3.06
N TYR A 200 -25.85 5.70 -2.28
CA TYR A 200 -26.15 6.17 -0.93
C TYR A 200 -26.81 7.54 -0.93
N TYR A 201 -26.53 8.38 -1.94
CA TYR A 201 -26.83 9.81 -1.86
C TYR A 201 -27.60 10.36 -3.04
N MET A 202 -28.02 9.53 -4.00
CA MET A 202 -28.80 9.96 -5.17
C MET A 202 -28.11 11.09 -5.94
N ALA A 203 -26.86 11.40 -5.58
CA ALA A 203 -26.17 12.55 -6.13
C ALA A 203 -24.68 12.35 -5.97
N SER A 204 -23.93 12.73 -6.99
CA SER A 204 -22.50 12.55 -7.01
C SER A 204 -21.90 13.66 -7.84
N PRO A 205 -20.72 14.15 -7.46
CA PRO A 205 -20.02 15.15 -8.28
C PRO A 205 -19.60 14.58 -9.63
N ASP A 206 -19.62 15.45 -10.66
CA ASP A 206 -18.99 15.14 -11.94
C ASP A 206 -17.46 15.22 -11.82
N LEU A 207 -16.77 14.77 -12.87
CA LEU A 207 -15.30 14.73 -12.91
C LEU A 207 -14.74 15.59 -14.02
N GLU A 208 -13.76 16.45 -13.70
CA GLU A 208 -12.96 17.17 -14.68
C GLU A 208 -11.50 16.72 -14.58
N ILE A 209 -10.92 16.29 -15.71
CA ILE A 209 -9.53 15.89 -15.76
C ILE A 209 -8.79 16.82 -16.71
N GLN A 210 -7.59 17.21 -16.32
CA GLN A 210 -6.68 17.97 -17.17
C GLN A 210 -5.31 17.30 -17.10
N GLU A 211 -4.62 17.22 -18.22
CA GLU A 211 -3.28 16.64 -18.28
C GLU A 211 -2.28 17.72 -18.66
N ILE A 212 -1.07 17.65 -18.09
CA ILE A 212 0.03 18.55 -18.48
C ILE A 212 1.25 17.68 -18.75
N ASN A 213 1.52 17.37 -20.00
CA ASN A 213 2.69 16.60 -20.38
C ASN A 213 3.76 17.61 -20.77
N ALA A 214 4.61 17.97 -19.80
CA ALA A 214 5.49 19.13 -19.98
C ALA A 214 6.41 18.97 -21.19
N ALA A 215 7.00 17.79 -21.38
CA ALA A 215 7.95 17.60 -22.48
C ALA A 215 7.23 17.45 -23.82
N ASN A 216 6.06 16.78 -23.85
CA ASN A 216 5.34 16.49 -25.11
C ASN A 216 3.86 16.83 -24.92
N SER A 217 3.51 18.11 -25.11
CA SER A 217 2.23 18.63 -24.63
C SER A 217 1.01 18.00 -25.31
N LYS A 218 1.17 17.42 -26.50
CA LYS A 218 0.01 16.78 -27.11
C LYS A 218 -0.07 15.28 -26.82
N GLN A 219 0.88 14.72 -26.07
CA GLN A 219 0.90 13.27 -25.96
C GLN A 219 0.19 12.82 -24.69
N PRO A 220 -0.68 11.81 -24.79
CA PRO A 220 -1.31 11.29 -23.57
C PRO A 220 -0.27 10.77 -22.60
N ILE A 221 -0.52 10.97 -21.31
CA ILE A 221 0.49 10.64 -20.30
C ILE A 221 0.37 9.16 -19.96
N HIS A 222 1.44 8.41 -20.20
N HIS A 222 1.44 8.41 -20.21
CA HIS A 222 1.56 7.02 -19.80
CA HIS A 222 1.57 7.02 -19.78
C HIS A 222 2.79 6.87 -18.90
C HIS A 222 2.80 6.86 -18.90
N MET A 223 2.81 5.79 -18.11
CA MET A 223 3.97 5.48 -17.26
C MET A 223 4.03 3.97 -17.06
N VAL A 224 5.17 3.53 -16.51
CA VAL A 224 5.29 2.17 -15.99
C VAL A 224 4.84 2.19 -14.53
N TYR A 225 3.79 1.44 -14.19
CA TYR A 225 3.35 1.43 -12.79
C TYR A 225 2.58 0.14 -12.50
N VAL A 226 2.19 -0.03 -11.24
CA VAL A 226 1.29 -1.10 -10.78
C VAL A 226 -0.11 -0.50 -10.72
N PRO A 227 -0.93 -0.65 -11.77
CA PRO A 227 -2.20 0.09 -11.81
C PRO A 227 -3.19 -0.29 -10.70
N SER A 228 -3.15 -1.52 -10.19
CA SER A 228 -4.05 -1.83 -9.07
C SER A 228 -3.72 -0.99 -7.83
N HIS A 229 -2.42 -0.70 -7.58
CA HIS A 229 -2.08 0.21 -6.48
C HIS A 229 -2.61 1.61 -6.75
N LEU A 230 -2.48 2.08 -7.99
CA LEU A 230 -2.92 3.43 -8.34
C LEU A 230 -4.44 3.56 -8.25
N TYR A 231 -5.16 2.54 -8.74
CA TYR A 231 -6.62 2.51 -8.61
C TYR A 231 -7.04 2.59 -7.15
N HIS A 232 -6.40 1.79 -6.28
CA HIS A 232 -6.78 1.78 -4.87
C HIS A 232 -6.62 3.17 -4.23
N MET A 233 -5.48 3.82 -4.47
CA MET A 233 -5.23 5.16 -3.93
C MET A 233 -6.27 6.15 -4.42
N LEU A 234 -6.51 6.18 -5.73
CA LEU A 234 -7.50 7.09 -6.30
C LEU A 234 -8.89 6.82 -5.75
N PHE A 235 -9.29 5.54 -5.70
CA PHE A 235 -10.63 5.21 -5.21
C PHE A 235 -10.80 5.69 -3.77
N GLU A 236 -9.78 5.49 -2.95
CA GLU A 236 -9.88 5.93 -1.56
C GLU A 236 -10.03 7.43 -1.48
N LEU A 237 -9.26 8.18 -2.29
CA LEU A 237 -9.40 9.64 -2.29
C LEU A 237 -10.75 10.10 -2.85
N PHE A 238 -11.22 9.48 -3.94
CA PHE A 238 -12.52 9.85 -4.50
C PHE A 238 -13.67 9.63 -3.51
N LYS A 239 -13.68 8.48 -2.80
CA LYS A 239 -14.73 8.23 -1.81
C LYS A 239 -14.83 9.36 -0.80
N ASN A 240 -13.68 9.80 -0.26
CA ASN A 240 -13.65 10.87 0.72
C ASN A 240 -14.11 12.19 0.12
N ALA A 241 -13.59 12.52 -1.07
CA ALA A 241 -13.95 13.78 -1.74
C ALA A 241 -15.44 13.86 -2.01
N MET A 242 -16.05 12.76 -2.45
CA MET A 242 -17.48 12.80 -2.76
C MET A 242 -18.30 12.93 -1.49
N ARG A 243 -17.98 12.12 -0.48
CA ARG A 243 -18.69 12.21 0.79
C ARG A 243 -18.64 13.63 1.34
N ALA A 244 -17.45 14.22 1.37
CA ALA A 244 -17.30 15.57 1.87
C ALA A 244 -18.12 16.55 1.05
N THR A 245 -18.11 16.38 -0.28
CA THR A 245 -18.86 17.30 -1.14
C THR A 245 -20.35 17.19 -0.89
N VAL A 246 -20.86 15.96 -0.74
CA VAL A 246 -22.29 15.79 -0.55
C VAL A 246 -22.72 16.39 0.79
N GLU A 247 -21.95 16.12 1.85
CA GLU A 247 -22.40 16.51 3.18
C GLU A 247 -22.25 18.01 3.44
N SER A 248 -21.24 18.64 2.86
CA SER A 248 -21.07 20.08 3.05
C SER A 248 -22.04 20.91 2.23
N HIS A 249 -22.70 20.32 1.23
CA HIS A 249 -23.58 21.08 0.37
C HIS A 249 -25.01 20.59 0.44
N GLU A 250 -25.49 20.32 1.67
CA GLU A 250 -26.86 19.89 1.86
C GLU A 250 -27.87 20.87 1.27
N SER A 251 -27.53 22.16 1.27
CA SER A 251 -28.46 23.22 0.93
C SER A 251 -28.32 23.72 -0.51
N SER A 252 -27.25 23.35 -1.20
CA SER A 252 -27.08 23.76 -2.58
C SER A 252 -27.84 22.81 -3.50
N LEU A 253 -28.30 23.34 -4.63
CA LEU A 253 -28.83 22.50 -5.68
C LEU A 253 -27.71 21.91 -6.52
N ILE A 254 -26.59 22.62 -6.55
CA ILE A 254 -25.39 22.27 -7.29
C ILE A 254 -24.49 21.44 -6.39
N LEU A 255 -23.96 20.33 -6.91
CA LEU A 255 -22.76 19.74 -6.31
C LEU A 255 -21.56 20.18 -7.11
N PRO A 256 -20.56 20.82 -6.50
CA PRO A 256 -19.34 21.14 -7.24
C PRO A 256 -18.65 19.86 -7.71
N PRO A 257 -18.00 19.90 -8.86
CA PRO A 257 -17.31 18.72 -9.36
C PRO A 257 -16.00 18.49 -8.62
N ILE A 258 -15.44 17.31 -8.84
CA ILE A 258 -14.09 17.00 -8.40
C ILE A 258 -13.18 17.19 -9.60
N LYS A 259 -12.07 17.91 -9.41
CA LYS A 259 -11.14 18.19 -10.49
C LYS A 259 -9.87 17.39 -10.28
N VAL A 260 -9.29 16.84 -11.35
CA VAL A 260 -8.05 16.10 -11.26
C VAL A 260 -7.10 16.67 -12.30
N MET A 261 -5.86 16.93 -11.89
CA MET A 261 -4.81 17.29 -12.83
C MET A 261 -3.77 16.19 -12.82
N VAL A 262 -3.35 15.74 -14.00
CA VAL A 262 -2.23 14.80 -14.12
C VAL A 262 -1.09 15.54 -14.79
N ALA A 263 0.04 15.67 -14.09
CA ALA A 263 1.21 16.36 -14.59
C ALA A 263 2.34 15.37 -14.76
N LEU A 264 3.01 15.39 -15.92
CA LEU A 264 4.21 14.59 -16.15
C LEU A 264 5.41 15.50 -16.32
N GLY A 265 6.39 15.37 -15.43
CA GLY A 265 7.62 16.13 -15.51
C GLY A 265 8.80 15.25 -15.80
N GLU A 266 10.00 15.81 -15.62
CA GLU A 266 11.23 15.05 -15.88
C GLU A 266 11.45 13.95 -14.84
N GLU A 267 11.00 14.15 -13.61
CA GLU A 267 11.26 13.18 -12.55
C GLU A 267 9.98 12.66 -11.89
N ASP A 268 8.99 13.53 -11.71
CA ASP A 268 7.73 13.20 -11.06
C ASP A 268 6.60 13.04 -12.07
N LEU A 269 5.67 12.15 -11.74
CA LEU A 269 4.34 12.15 -12.33
C LEU A 269 3.39 12.43 -11.16
N SER A 270 2.67 13.54 -11.23
CA SER A 270 1.86 13.99 -10.10
C SER A 270 0.39 14.01 -10.45
N ILE A 271 -0.44 13.57 -9.51
CA ILE A 271 -1.90 13.57 -9.67
C ILE A 271 -2.48 14.37 -8.51
N LYS A 272 -3.08 15.51 -8.80
CA LYS A 272 -3.75 16.32 -7.80
C LYS A 272 -5.27 16.18 -7.97
N MET A 273 -5.94 15.80 -6.90
CA MET A 273 -7.39 15.76 -6.82
C MET A 273 -7.87 16.91 -5.95
N SER A 274 -8.92 17.63 -6.39
CA SER A 274 -9.43 18.82 -5.73
C SER A 274 -10.93 18.69 -5.49
N ASP A 275 -11.36 18.82 -4.23
CA ASP A 275 -12.79 18.92 -3.95
C ASP A 275 -13.09 20.29 -3.35
N ARG A 276 -14.38 20.60 -3.35
CA ARG A 276 -14.94 21.76 -2.67
C ARG A 276 -15.89 21.23 -1.61
N GLY A 277 -15.41 20.29 -0.79
CA GLY A 277 -16.23 19.66 0.22
C GLY A 277 -16.13 20.28 1.60
N GLY A 278 -15.69 21.54 1.68
CA GLY A 278 -15.74 22.28 2.91
C GLY A 278 -14.47 22.24 3.75
N GLY A 279 -13.60 21.28 3.53
CA GLY A 279 -12.31 21.30 4.18
C GLY A 279 -12.38 20.90 5.64
N VAL A 280 -11.22 20.78 6.27
CA VAL A 280 -11.10 20.53 7.71
C VAL A 280 -9.96 21.40 8.23
N PRO A 281 -9.98 21.73 9.51
CA PRO A 281 -8.86 22.51 10.07
C PRO A 281 -7.56 21.71 10.01
N LEU A 282 -6.44 22.45 9.89
CA LEU A 282 -5.13 21.82 9.76
C LEU A 282 -4.87 20.82 10.90
N ARG A 283 -5.30 21.16 12.10
CA ARG A 283 -5.14 20.31 13.26
C ARG A 283 -5.63 18.89 13.03
N LYS A 284 -6.64 18.70 12.18
CA LYS A 284 -7.22 17.37 12.03
C LYS A 284 -6.53 16.52 10.96
N ILE A 285 -5.65 17.10 10.14
CA ILE A 285 -5.03 16.33 9.06
C ILE A 285 -4.25 15.15 9.61
N GLU A 286 -3.47 15.38 10.68
CA GLU A 286 -2.64 14.31 11.26
C GLU A 286 -3.51 13.18 11.81
N ARG A 287 -4.67 13.54 12.37
N ARG A 287 -4.67 13.53 12.38
CA ARG A 287 -5.63 12.55 12.84
CA ARG A 287 -5.59 12.50 12.85
C ARG A 287 -6.04 11.61 11.71
C ARG A 287 -6.05 11.60 11.72
N LEU A 288 -6.16 12.14 10.50
CA LEU A 288 -6.63 11.34 9.37
C LEU A 288 -5.61 10.31 8.92
N PHE A 289 -4.32 10.57 9.12
CA PHE A 289 -3.30 9.60 8.74
C PHE A 289 -2.95 8.64 9.87
N SER A 290 -3.46 8.88 11.07
CA SER A 290 -3.07 8.08 12.24
C SER A 290 -3.84 6.77 12.31
N TYR A 291 -3.12 5.64 12.38
CA TYR A 291 -3.78 4.35 12.64
C TYR A 291 -4.53 4.39 13.96
N MET A 292 -3.89 4.91 15.01
CA MET A 292 -4.48 4.80 16.33
C MET A 292 -5.78 5.59 16.41
N TYR A 293 -5.77 6.83 15.89
CA TYR A 293 -6.96 7.66 16.03
C TYR A 293 -8.07 7.18 15.10
N SER A 294 -7.73 6.48 14.02
CA SER A 294 -8.69 5.93 13.08
C SER A 294 -9.24 4.56 13.47
N THR A 295 -8.91 4.05 14.65
CA THR A 295 -9.25 2.68 15.05
C THR A 295 -10.44 2.69 16.00
N ALA A 296 -11.43 1.85 15.71
CA ALA A 296 -12.63 1.69 16.53
C ALA A 296 -13.13 0.27 16.36
N PRO A 297 -14.09 -0.16 17.19
CA PRO A 297 -14.64 -1.52 17.03
C PRO A 297 -15.38 -1.69 15.70
N THR A 298 -15.41 -2.94 15.24
CA THR A 298 -15.83 -3.33 13.89
C THR A 298 -17.09 -2.64 13.35
N THR A 306 -17.92 1.09 3.91
CA THR A 306 -17.45 2.38 3.43
C THR A 306 -16.73 3.20 4.50
N PRO A 307 -15.57 2.72 4.97
CA PRO A 307 -14.82 3.47 5.99
C PRO A 307 -14.08 4.66 5.37
N LEU A 308 -14.37 5.86 5.88
CA LEU A 308 -13.77 7.07 5.34
C LEU A 308 -12.49 7.40 6.10
N ALA A 309 -11.76 8.40 5.58
CA ALA A 309 -10.60 8.94 6.29
C ALA A 309 -10.97 9.23 7.73
N GLY A 310 -10.09 8.82 8.65
CA GLY A 310 -10.34 8.96 10.08
C GLY A 310 -11.07 7.80 10.75
N PHE A 311 -11.53 6.81 9.99
CA PHE A 311 -12.31 5.74 10.58
C PHE A 311 -11.86 4.36 10.12
N GLY A 312 -10.81 4.28 9.33
CA GLY A 312 -10.17 3.03 9.02
C GLY A 312 -8.77 3.33 8.53
N TYR A 313 -8.14 2.32 7.93
CA TYR A 313 -6.75 2.48 7.51
C TYR A 313 -6.60 2.77 6.00
N GLY A 314 -7.68 3.04 5.28
CA GLY A 314 -7.57 3.23 3.84
C GLY A 314 -6.59 4.33 3.44
N LEU A 315 -6.69 5.49 4.10
CA LEU A 315 -5.82 6.60 3.75
C LEU A 315 -4.35 6.35 4.10
N PRO A 316 -3.98 5.96 5.32
CA PRO A 316 -2.55 5.75 5.58
C PRO A 316 -1.97 4.58 4.80
N ILE A 317 -2.75 3.54 4.51
CA ILE A 317 -2.24 2.48 3.65
C ILE A 317 -2.13 2.95 2.20
N SER A 318 -3.06 3.79 1.73
CA SER A 318 -2.88 4.41 0.41
C SER A 318 -1.57 5.20 0.34
N ARG A 319 -1.21 5.92 1.41
CA ARG A 319 0.08 6.61 1.41
C ARG A 319 1.25 5.63 1.34
N LEU A 320 1.14 4.46 1.99
CA LEU A 320 2.24 3.48 1.89
C LEU A 320 2.37 2.96 0.47
N TYR A 321 1.26 2.76 -0.24
CA TYR A 321 1.37 2.34 -1.64
C TYR A 321 2.17 3.35 -2.45
N ALA A 322 1.93 4.65 -2.25
CA ALA A 322 2.70 5.67 -2.95
C ALA A 322 4.17 5.62 -2.55
N LYS A 323 4.44 5.55 -1.24
CA LYS A 323 5.83 5.49 -0.79
C LYS A 323 6.55 4.22 -1.23
N TYR A 324 5.81 3.12 -1.46
CA TYR A 324 6.45 1.84 -1.75
C TYR A 324 7.39 1.92 -2.94
N PHE A 325 7.08 2.74 -3.95
CA PHE A 325 7.99 2.95 -5.08
C PHE A 325 8.54 4.37 -5.13
N GLN A 326 8.83 4.95 -3.96
CA GLN A 326 9.53 6.23 -3.78
C GLN A 326 8.64 7.43 -4.08
N GLY A 327 7.32 7.26 -4.00
CA GLY A 327 6.36 8.34 -4.14
C GLY A 327 5.87 8.84 -2.79
N ASP A 328 4.78 9.59 -2.82
CA ASP A 328 4.18 10.08 -1.58
C ASP A 328 2.72 10.38 -1.87
N LEU A 329 1.95 10.54 -0.80
CA LEU A 329 0.55 10.96 -0.91
C LEU A 329 0.33 12.02 0.16
N GLN A 330 -0.01 13.25 -0.25
CA GLN A 330 -0.11 14.37 0.68
C GLN A 330 -1.48 15.04 0.59
N LEU A 331 -1.94 15.59 1.72
CA LEU A 331 -3.23 16.25 1.81
C LEU A 331 -3.04 17.68 2.27
N PHE A 332 -3.81 18.59 1.68
N PHE A 332 -3.73 18.63 1.65
CA PHE A 332 -3.79 20.01 2.01
CA PHE A 332 -3.78 19.97 2.21
C PHE A 332 -5.23 20.51 1.97
C PHE A 332 -5.16 20.54 2.01
N SER A 333 -5.78 20.88 3.12
CA SER A 333 -7.16 21.33 3.17
C SER A 333 -7.22 22.84 3.40
N MET A 334 -8.38 23.42 3.11
N MET A 334 -8.37 23.41 3.05
CA MET A 334 -8.66 24.82 3.43
CA MET A 334 -8.71 24.80 3.38
C MET A 334 -10.03 24.85 4.07
C MET A 334 -10.05 24.75 4.09
N GLU A 335 -10.05 24.95 5.39
CA GLU A 335 -11.29 24.85 6.14
C GLU A 335 -12.24 25.94 5.68
N GLY A 336 -13.48 25.56 5.38
CA GLY A 336 -14.44 26.47 4.82
C GLY A 336 -14.51 26.42 3.31
N PHE A 337 -13.59 25.72 2.64
CA PHE A 337 -13.65 25.65 1.19
C PHE A 337 -13.56 24.22 0.65
N GLY A 338 -12.42 23.56 0.82
CA GLY A 338 -12.21 22.26 0.20
C GLY A 338 -10.86 21.69 0.56
N THR A 339 -10.48 20.63 -0.15
CA THR A 339 -9.28 19.84 0.15
C THR A 339 -8.63 19.40 -1.15
N ASP A 340 -7.30 19.46 -1.19
CA ASP A 340 -6.51 18.92 -2.28
C ASP A 340 -5.75 17.70 -1.77
N ALA A 341 -5.61 16.70 -2.63
CA ALA A 341 -4.73 15.57 -2.39
C ALA A 341 -3.79 15.42 -3.58
N VAL A 342 -2.52 15.18 -3.33
CA VAL A 342 -1.55 14.93 -4.39
C VAL A 342 -0.90 13.57 -4.20
N ILE A 343 -0.97 12.74 -5.23
CA ILE A 343 -0.18 11.52 -5.35
C ILE A 343 1.07 11.85 -6.15
N TYR A 344 2.23 11.61 -5.56
CA TYR A 344 3.52 11.84 -6.21
C TYR A 344 4.07 10.49 -6.61
N LEU A 345 4.34 10.29 -7.90
CA LEU A 345 4.95 9.05 -8.36
C LEU A 345 6.25 9.36 -9.07
N LYS A 346 7.17 8.39 -9.11
CA LYS A 346 8.36 8.57 -9.95
C LYS A 346 7.99 8.33 -11.40
N ALA A 347 8.47 9.20 -12.30
CA ALA A 347 8.12 9.10 -13.71
C ALA A 347 8.89 8.00 -14.43
N LEU A 348 10.10 7.67 -13.97
CA LEU A 348 10.97 6.73 -14.66
C LEU A 348 11.02 5.39 -13.93
N SER A 349 10.99 4.31 -14.69
CA SER A 349 11.00 2.98 -14.10
C SER A 349 12.28 2.67 -13.35
N THR A 350 13.39 3.33 -13.69
CA THR A 350 14.63 3.11 -12.95
C THR A 350 14.64 3.84 -11.62
N ASP A 351 13.85 4.90 -11.45
CA ASP A 351 13.71 5.52 -10.14
C ASP A 351 12.67 4.84 -9.26
N SER A 352 11.82 3.99 -9.82
CA SER A 352 10.72 3.36 -9.07
C SER A 352 11.26 2.11 -8.41
N VAL A 353 11.81 2.30 -7.21
CA VAL A 353 12.54 1.25 -6.48
C VAL A 353 11.79 0.97 -5.19
N GLU A 354 11.60 -0.31 -4.87
CA GLU A 354 10.98 -0.71 -3.61
C GLU A 354 11.58 0.03 -2.42
N ARG A 355 10.71 0.51 -1.54
CA ARG A 355 11.12 1.09 -0.25
C ARG A 355 10.83 0.05 0.81
N LEU A 356 11.89 -0.52 1.40
CA LEU A 356 11.74 -1.65 2.30
C LEU A 356 12.30 -1.32 3.69
N PRO A 357 11.52 -1.50 4.75
CA PRO A 357 12.09 -1.47 6.11
C PRO A 357 13.14 -2.56 6.33
N VAL A 358 14.14 -2.25 7.17
CA VAL A 358 15.21 -3.19 7.50
C VAL A 358 15.31 -3.30 9.02
N TYR A 359 15.59 -4.50 9.52
CA TYR A 359 15.90 -4.70 10.92
C TYR A 359 17.41 -4.55 11.13
N ASN A 360 17.81 -3.52 11.86
CA ASN A 360 19.20 -3.28 12.23
C ASN A 360 19.23 -2.64 13.62
N LYS A 361 20.41 -2.14 14.02
CA LYS A 361 20.49 -1.40 15.27
C LYS A 361 19.88 -0.01 15.17
N SER A 362 19.73 0.53 13.94
CA SER A 362 19.09 1.83 13.76
C SER A 362 17.57 1.73 13.95
N ALA A 363 16.97 0.61 13.52
CA ALA A 363 15.56 0.36 13.79
C ALA A 363 15.35 -0.07 15.23
N TRP A 364 16.28 -0.85 15.79
CA TRP A 364 16.20 -1.29 17.17
C TRP A 364 16.13 -0.11 18.14
N ARG A 365 16.79 1.00 17.82
CA ARG A 365 16.89 2.09 18.78
C ARG A 365 15.57 2.85 18.93
N HIS A 366 14.78 2.94 17.86
CA HIS A 366 13.52 3.68 17.93
C HIS A 366 12.60 3.13 19.01
N TYR A 367 12.75 1.87 19.38
CA TYR A 367 11.92 1.23 20.41
C TYR A 367 12.61 1.30 21.78
#